data_3FTW
#
_entry.id   3FTW
#
_cell.length_a   78.311
_cell.length_b   86.952
_cell.length_c   99.528
_cell.angle_alpha   90.00
_cell.angle_beta   90.00
_cell.angle_gamma   90.00
#
_symmetry.space_group_name_H-M   'P 21 21 21'
#
loop_
_entity.id
_entity.type
_entity.pdbx_description
1 polymer 'Leukotriene A-4 hydrolase'
2 non-polymer 'ZINC ION'
3 non-polymer 'YTTERBIUM (III) ION'
4 non-polymer N-(pyridin-3-ylmethyl)aniline
5 non-polymer 'ACETATE ION'
6 non-polymer IMIDAZOLE
7 water water
#
_entity_poly.entity_id   1
_entity_poly.type   'polypeptide(L)'
_entity_poly.pdbx_seq_one_letter_code
;MPEIVDTCSLASPASVCRTKHLHLRCSVDFTRRTLTGTAALTVQSQEDNLRSLVLDTKDLTIEKVVINGQEVKYALGERQ
SYKGSPMEISLPIALSKNQEIVIEISFETSPKSSALQWLTPEQTSGKEHPYLFSQCQAIHCRAILPCQDTPSVKLTYTAE
VSVPKELVALMSAIRDGETPDPEDPSRKIYKFIQKVPIPCYLIALVVGALESRQIGPRTLVWSEKEQVEKSAYEFSETES
MLKIAEDLGGPYVWGQYDLLVLPPSFPYGGMENPCLTFVTPTLLAGDKSLSNVIAHEISHSWTGNLVTNKTWDHFWLNEG
HTVYLERHICGRLFGEKFRHFNALGGWGELQNSVKTFGETHPFTKLVVDLTDIDPDVAYSSVPYEKGFALLFYLEQLLGG
PEIFLGFLKAYVEKFSYKSITTDDWKDFLYSYFKDKVDVLNQVDWNAWLYSPGLPPIKPNYDMTLTNACIALSQRWITAK
EDDLNSFNATDLKDLSSHQLNEFLAQTLQRAPLPLGHIKRMQEVYNFNAINNSEIRFRWLRLCIQSKWEDAIPLALKMAT
EQGRMKFTRPLFKDLAAFDKSHDQAVRTYQEHKASMHPVTAMLVGKDLKVD
;
_entity_poly.pdbx_strand_id   A
#
loop_
_chem_comp.id
_chem_comp.type
_chem_comp.name
_chem_comp.formula
11X non-polymer N-(pyridin-3-ylmethyl)aniline 'C12 H12 N2'
ACT non-polymer 'ACETATE ION' 'C2 H3 O2 -1'
IMD non-polymer IMIDAZOLE 'C3 H5 N2 1'
YB non-polymer 'YTTERBIUM (III) ION' 'Yb 3'
ZN non-polymer 'ZINC ION' 'Zn 2'
#
# COMPACT_ATOMS: atom_id res chain seq x y z
N VAL A 5 14.42 -18.43 1.74
CA VAL A 5 14.41 -18.25 0.23
C VAL A 5 13.39 -17.22 -0.29
N ASP A 6 13.88 -16.05 -0.67
CA ASP A 6 12.99 -15.03 -1.25
C ASP A 6 12.90 -15.22 -2.77
N THR A 7 11.81 -15.83 -3.22
CA THR A 7 11.67 -16.22 -4.63
C THR A 7 11.36 -15.04 -5.55
N CYS A 8 11.21 -13.85 -4.97
CA CYS A 8 11.00 -12.65 -5.75
C CYS A 8 12.29 -11.85 -6.06
N SER A 9 13.43 -12.26 -5.50
CA SER A 9 14.63 -11.47 -5.56
C SER A 9 15.69 -12.31 -6.25
N LEU A 10 16.53 -11.66 -7.03
CA LEU A 10 17.61 -12.36 -7.74
C LEU A 10 18.95 -12.12 -7.06
N ALA A 11 18.91 -11.35 -5.98
CA ALA A 11 20.10 -10.99 -5.24
C ALA A 11 20.65 -12.12 -4.32
N SER A 12 21.91 -11.94 -3.91
CA SER A 12 22.48 -12.79 -2.89
C SER A 12 21.58 -12.67 -1.67
N PRO A 13 21.24 -13.81 -1.07
CA PRO A 13 20.40 -13.77 0.11
C PRO A 13 21.13 -13.32 1.38
N ALA A 14 20.36 -13.12 2.44
CA ALA A 14 20.88 -12.61 3.67
C ALA A 14 21.86 -13.58 4.31
N SER A 15 21.76 -14.86 3.94
CA SER A 15 22.66 -15.90 4.44
C SER A 15 24.08 -15.73 3.89
N VAL A 16 24.21 -15.00 2.80
CA VAL A 16 25.48 -14.85 2.07
C VAL A 16 26.11 -13.47 2.36
N CYS A 17 25.28 -12.42 2.30
CA CYS A 17 25.78 -11.08 2.64
C CYS A 17 24.57 -10.24 2.95
N ARG A 18 24.83 -9.13 3.63
CA ARG A 18 23.76 -8.27 3.98
C ARG A 18 24.12 -6.80 3.97
N THR A 19 23.28 -6.06 3.28
CA THR A 19 23.46 -4.63 3.23
C THR A 19 23.16 -3.98 4.59
N LYS A 20 24.09 -3.18 5.10
CA LYS A 20 23.96 -2.49 6.37
C LYS A 20 23.44 -1.05 6.23
N HIS A 21 23.84 -0.38 5.14
CA HIS A 21 23.60 1.02 4.92
C HIS A 21 23.65 1.32 3.43
N LEU A 22 22.86 2.30 3.04
CA LEU A 22 22.92 2.83 1.71
C LEU A 22 23.16 4.32 1.81
N HIS A 23 24.19 4.80 1.11
CA HIS A 23 24.26 6.25 0.88
C HIS A 23 23.93 6.60 -0.57
N LEU A 24 22.82 7.30 -0.76
CA LEU A 24 22.31 7.64 -2.09
C LEU A 24 22.64 9.09 -2.43
N ARG A 25 23.37 9.29 -3.50
CA ARG A 25 23.62 10.64 -3.99
C ARG A 25 23.10 10.69 -5.40
N CYS A 26 22.06 11.49 -5.63
CA CYS A 26 21.44 11.43 -6.96
C CYS A 26 20.84 12.78 -7.37
N SER A 27 20.54 12.92 -8.66
CA SER A 27 20.04 14.15 -9.21
C SER A 27 18.81 13.75 -10.03
N VAL A 28 17.72 14.50 -9.83
CA VAL A 28 16.46 14.26 -10.54
C VAL A 28 16.43 15.13 -11.78
N ASP A 29 16.44 14.48 -12.94
CA ASP A 29 16.44 15.15 -14.24
C ASP A 29 15.06 15.04 -14.91
N PHE A 30 14.24 16.08 -14.78
CA PHE A 30 12.89 16.06 -15.31
C PHE A 30 12.88 16.07 -16.84
N THR A 31 13.90 16.67 -17.45
CA THR A 31 14.02 16.74 -18.91
C THR A 31 14.20 15.36 -19.50
N ARG A 32 15.03 14.53 -18.88
CA ARG A 32 15.20 13.15 -19.37
C ARG A 32 14.33 12.11 -18.65
N ARG A 33 13.67 12.54 -17.57
CA ARG A 33 12.90 11.62 -16.72
C ARG A 33 13.82 10.51 -16.17
N THR A 34 14.96 10.89 -15.63
CA THR A 34 15.86 9.88 -15.04
C THR A 34 16.36 10.37 -13.68
N LEU A 35 16.69 9.42 -12.83
CA LEU A 35 17.40 9.71 -11.60
C LEU A 35 18.82 9.19 -11.91
N THR A 36 19.83 10.00 -11.64
CA THR A 36 21.22 9.66 -11.99
C THR A 36 22.06 9.86 -10.76
N GLY A 37 22.91 8.89 -10.43
CA GLY A 37 23.83 9.13 -9.34
C GLY A 37 24.56 7.88 -8.93
N THR A 38 24.82 7.78 -7.62
CA THR A 38 25.52 6.68 -6.99
C THR A 38 24.78 6.16 -5.75
N ALA A 39 24.79 4.85 -5.64
CA ALA A 39 24.31 4.15 -4.46
C ALA A 39 25.57 3.55 -3.86
N ALA A 40 25.99 4.06 -2.72
CA ALA A 40 27.06 3.38 -1.97
C ALA A 40 26.47 2.42 -0.95
N LEU A 41 26.61 1.13 -1.21
CA LEU A 41 26.15 0.08 -0.27
C LEU A 41 27.24 -0.34 0.68
N THR A 42 27.02 -0.20 2.00
CA THR A 42 27.90 -0.90 2.98
C THR A 42 27.39 -2.33 3.17
N VAL A 43 28.18 -3.31 2.75
CA VAL A 43 27.75 -4.71 2.74
C VAL A 43 28.63 -5.53 3.67
N GLN A 44 28.00 -6.29 4.53
CA GLN A 44 28.66 -7.20 5.45
C GLN A 44 28.60 -8.67 4.96
N SER A 45 29.77 -9.29 4.74
CA SER A 45 29.78 -10.69 4.38
C SER A 45 29.24 -11.59 5.50
N GLN A 46 28.44 -12.58 5.16
CA GLN A 46 28.02 -13.58 6.14
C GLN A 46 28.77 -14.89 5.89
N GLU A 47 29.71 -14.88 4.94
CA GLU A 47 30.38 -16.14 4.55
C GLU A 47 31.89 -15.98 4.60
N ASP A 48 32.61 -17.06 4.93
CA ASP A 48 34.05 -17.09 4.60
C ASP A 48 34.38 -16.99 3.13
N ASN A 49 35.50 -16.35 2.82
CA ASN A 49 36.06 -16.32 1.46
C ASN A 49 35.05 -15.88 0.38
N LEU A 50 34.28 -14.85 0.65
CA LEU A 50 33.26 -14.35 -0.28
C LEU A 50 33.94 -13.53 -1.37
N ARG A 51 33.72 -13.89 -2.64
CA ARG A 51 34.41 -13.24 -3.76
C ARG A 51 33.49 -12.59 -4.78
N SER A 52 32.20 -12.86 -4.65
CA SER A 52 31.26 -12.12 -5.47
C SER A 52 29.90 -12.00 -4.76
N LEU A 53 29.11 -11.09 -5.28
CA LEU A 53 27.74 -11.05 -4.85
C LEU A 53 26.86 -10.49 -5.95
N VAL A 54 25.56 -10.63 -5.73
CA VAL A 54 24.57 -10.34 -6.75
C VAL A 54 23.51 -9.40 -6.15
N LEU A 55 23.22 -8.36 -6.92
CA LEU A 55 22.19 -7.39 -6.60
C LEU A 55 21.02 -7.45 -7.60
N ASP A 56 19.83 -7.06 -7.15
CA ASP A 56 18.69 -6.84 -8.04
C ASP A 56 18.81 -5.51 -8.80
N THR A 57 18.35 -5.51 -10.04
CA THR A 57 18.25 -4.26 -10.79
C THR A 57 17.09 -4.45 -11.76
N LYS A 58 16.52 -3.34 -12.25
CA LYS A 58 15.44 -3.41 -13.25
C LYS A 58 15.43 -2.12 -14.07
N ASP A 59 15.80 -2.25 -15.33
CA ASP A 59 15.83 -1.12 -16.27
C ASP A 59 16.76 -0.04 -15.78
N LEU A 60 17.86 -0.43 -15.12
CA LEU A 60 18.89 0.49 -14.68
C LEU A 60 20.03 0.51 -15.69
N THR A 61 20.65 1.66 -15.87
CA THR A 61 21.87 1.73 -16.69
C THR A 61 23.05 1.85 -15.77
N ILE A 62 23.96 0.87 -15.80
CA ILE A 62 25.12 0.91 -14.91
C ILE A 62 26.29 1.50 -15.68
N GLU A 63 26.88 2.51 -15.08
CA GLU A 63 28.05 3.17 -15.59
C GLU A 63 29.31 2.46 -15.12
N LYS A 64 29.45 2.31 -13.80
CA LYS A 64 30.60 1.63 -13.22
C LYS A 64 30.31 1.23 -11.77
N VAL A 65 31.15 0.34 -11.26
CA VAL A 65 31.13 -0.11 -9.86
C VAL A 65 32.55 0.10 -9.29
N VAL A 66 32.63 0.81 -8.19
CA VAL A 66 33.90 1.18 -7.60
C VAL A 66 33.99 0.66 -6.16
N ILE A 67 35.07 -0.07 -5.89
CA ILE A 67 35.42 -0.55 -4.57
C ILE A 67 36.88 -0.17 -4.25
N ASN A 68 37.13 0.30 -3.03
CA ASN A 68 38.49 0.74 -2.62
C ASN A 68 39.13 1.69 -3.63
N GLY A 69 38.36 2.64 -4.17
CA GLY A 69 38.92 3.61 -5.10
C GLY A 69 39.11 3.16 -6.54
N GLN A 70 38.85 1.89 -6.86
CA GLN A 70 39.07 1.38 -8.23
C GLN A 70 37.81 0.74 -8.83
N GLU A 71 37.66 0.85 -10.16
CA GLU A 71 36.60 0.11 -10.87
C GLU A 71 36.77 -1.41 -10.83
N VAL A 72 35.68 -2.13 -10.57
CA VAL A 72 35.74 -3.56 -10.50
C VAL A 72 34.85 -4.13 -11.60
N LYS A 73 35.00 -5.42 -11.86
CA LYS A 73 34.19 -6.10 -12.86
C LYS A 73 32.78 -6.41 -12.35
N TYR A 74 31.80 -6.26 -13.23
CA TYR A 74 30.44 -6.68 -12.93
C TYR A 74 29.79 -7.20 -14.22
N ALA A 75 28.66 -7.90 -14.11
CA ALA A 75 27.97 -8.42 -15.27
C ALA A 75 26.47 -8.44 -14.99
N LEU A 76 25.70 -7.89 -15.94
CA LEU A 76 24.25 -7.88 -15.86
C LEU A 76 23.68 -9.09 -16.55
N GLY A 77 22.88 -9.84 -15.81
CA GLY A 77 22.37 -11.10 -16.32
C GLY A 77 21.20 -10.78 -17.24
N GLU A 78 20.68 -11.83 -17.86
CA GLU A 78 19.54 -11.67 -18.74
C GLU A 78 18.29 -11.31 -17.94
N ARG A 79 17.44 -10.48 -18.50
CA ARG A 79 16.24 -10.06 -17.81
C ARG A 79 15.29 -11.22 -17.56
N GLN A 80 14.75 -11.27 -16.36
CA GLN A 80 13.77 -12.29 -15.94
C GLN A 80 12.44 -11.62 -15.66
N SER A 81 11.79 -11.21 -16.74
CA SER A 81 10.52 -10.52 -16.65
C SER A 81 10.44 -9.42 -15.56
N TYR A 82 9.41 -9.50 -14.72
CA TYR A 82 9.14 -8.48 -13.69
C TYR A 82 10.22 -8.46 -12.61
N LYS A 83 11.05 -9.50 -12.52
CA LYS A 83 12.09 -9.47 -11.48
C LYS A 83 13.29 -8.61 -11.87
N GLY A 84 13.39 -8.25 -13.12
CA GLY A 84 14.55 -7.47 -13.61
C GLY A 84 15.73 -8.37 -13.98
N SER A 85 16.92 -7.78 -13.89
CA SER A 85 18.16 -8.40 -14.30
C SER A 85 19.13 -8.43 -13.09
N PRO A 86 19.75 -9.57 -12.83
CA PRO A 86 20.74 -9.70 -11.75
C PRO A 86 22.06 -9.06 -12.12
N MET A 87 22.68 -8.39 -11.14
CA MET A 87 23.93 -7.76 -11.36
C MET A 87 24.97 -8.48 -10.45
N GLU A 88 25.88 -9.20 -11.07
CA GLU A 88 26.93 -9.92 -10.34
C GLU A 88 28.15 -9.00 -10.25
N ILE A 89 28.67 -8.85 -9.04
CA ILE A 89 29.81 -7.97 -8.85
C ILE A 89 30.97 -8.83 -8.33
N SER A 90 32.12 -8.73 -9.02
CA SER A 90 33.33 -9.45 -8.64
C SER A 90 34.11 -8.60 -7.64
N LEU A 91 34.22 -9.09 -6.41
CA LEU A 91 34.91 -8.30 -5.38
C LEU A 91 36.45 -8.34 -5.63
N PRO A 92 37.17 -7.22 -5.39
CA PRO A 92 38.62 -7.22 -5.66
C PRO A 92 39.43 -8.09 -4.67
N ILE A 93 38.95 -8.18 -3.44
CA ILE A 93 39.57 -9.00 -2.41
C ILE A 93 38.51 -9.87 -1.74
N ALA A 94 38.81 -11.15 -1.56
CA ALA A 94 37.90 -12.07 -0.87
C ALA A 94 37.63 -11.63 0.58
N LEU A 95 36.37 -11.76 1.05
CA LEU A 95 36.00 -11.21 2.33
C LEU A 95 35.83 -12.30 3.35
N SER A 96 36.22 -12.05 4.59
CA SER A 96 35.95 -13.02 5.65
C SER A 96 34.57 -12.78 6.26
N LYS A 97 34.09 -13.72 7.05
CA LYS A 97 32.75 -13.57 7.64
C LYS A 97 32.73 -12.35 8.56
N ASN A 98 31.70 -11.49 8.36
CA ASN A 98 31.46 -10.27 9.14
C ASN A 98 32.28 -9.09 8.66
N GLN A 99 33.16 -9.29 7.70
CA GLN A 99 33.87 -8.15 7.13
C GLN A 99 32.93 -7.26 6.30
N GLU A 100 33.10 -5.94 6.41
CA GLU A 100 32.23 -5.00 5.72
C GLU A 100 33.02 -4.22 4.70
N ILE A 101 32.47 -4.05 3.51
CA ILE A 101 33.10 -3.16 2.54
C ILE A 101 32.05 -2.22 1.99
N VAL A 102 32.50 -1.17 1.32
CA VAL A 102 31.59 -0.25 0.68
C VAL A 102 31.67 -0.39 -0.84
N ILE A 103 30.53 -0.61 -1.47
CA ILE A 103 30.48 -0.75 -2.92
C ILE A 103 29.70 0.44 -3.50
N GLU A 104 30.36 1.24 -4.33
CA GLU A 104 29.78 2.43 -4.92
C GLU A 104 29.40 2.21 -6.41
N ILE A 105 28.09 2.23 -6.67
CA ILE A 105 27.55 1.93 -7.97
C ILE A 105 27.00 3.18 -8.61
N SER A 106 27.57 3.57 -9.76
CA SER A 106 27.08 4.70 -10.56
C SER A 106 25.99 4.19 -11.52
N PHE A 107 24.83 4.83 -11.50
CA PHE A 107 23.68 4.27 -12.24
C PHE A 107 22.76 5.40 -12.70
N GLU A 108 21.82 5.01 -13.54
CA GLU A 108 20.76 5.92 -13.99
C GLU A 108 19.50 5.08 -14.24
N THR A 109 18.34 5.62 -13.87
CA THR A 109 17.09 4.90 -14.02
C THR A 109 16.56 5.06 -15.45
N SER A 110 15.59 4.24 -15.81
CA SER A 110 14.87 4.41 -17.09
C SER A 110 13.63 5.27 -16.85
N PRO A 111 13.20 6.04 -17.88
CA PRO A 111 11.95 6.78 -17.74
C PRO A 111 10.80 5.84 -17.50
N LYS A 112 10.97 4.58 -17.90
CA LYS A 112 9.92 3.56 -17.73
C LYS A 112 9.96 2.82 -16.39
N SER A 113 10.86 3.24 -15.51
CA SER A 113 11.00 2.67 -14.18
C SER A 113 9.61 2.41 -13.55
N SER A 114 9.35 1.13 -13.28
CA SER A 114 8.08 0.73 -12.67
C SER A 114 7.95 1.24 -11.22
N ALA A 115 9.05 1.77 -10.65
CA ALA A 115 9.00 2.39 -9.30
C ALA A 115 8.47 3.82 -9.33
N LEU A 116 8.53 4.46 -10.48
CA LEU A 116 8.38 5.91 -10.58
C LEU A 116 7.20 6.35 -11.44
N GLN A 117 6.56 7.45 -11.03
CA GLN A 117 5.70 8.17 -11.94
C GLN A 117 6.21 9.62 -12.07
N TRP A 118 6.49 10.02 -13.31
CA TRP A 118 6.92 11.37 -13.74
C TRP A 118 5.69 12.08 -14.30
N LEU A 119 5.35 13.22 -13.70
CA LEU A 119 4.12 13.92 -14.04
C LEU A 119 4.53 15.22 -14.67
N THR A 120 3.86 15.55 -15.76
CA THR A 120 4.00 16.84 -16.40
C THR A 120 3.30 17.88 -15.54
N PRO A 121 3.64 19.16 -15.72
CA PRO A 121 2.97 20.25 -15.00
C PRO A 121 1.44 20.19 -15.11
N GLU A 122 0.92 19.88 -16.28
CA GLU A 122 -0.53 19.85 -16.44
C GLU A 122 -1.19 18.70 -15.69
N GLN A 123 -0.41 17.72 -15.26
CA GLN A 123 -0.93 16.60 -14.45
C GLN A 123 -0.93 16.91 -12.95
N THR A 124 -0.41 18.09 -12.59
CA THR A 124 -0.35 18.50 -11.16
C THR A 124 -1.50 19.50 -10.83
N SER A 125 -1.61 19.89 -9.54
CA SER A 125 -2.57 20.93 -9.13
C SER A 125 -2.22 22.35 -9.61
N GLY A 126 -0.94 22.72 -9.51
CA GLY A 126 -0.49 24.08 -9.79
C GLY A 126 -0.25 24.46 -11.25
N LYS A 127 0.06 23.46 -12.08
CA LYS A 127 0.12 23.56 -13.55
C LYS A 127 1.39 24.25 -14.06
N GLU A 128 2.31 24.57 -13.16
CA GLU A 128 3.56 25.23 -13.55
C GLU A 128 4.76 24.27 -13.49
N HIS A 129 4.81 23.45 -12.44
CA HIS A 129 5.95 22.54 -12.25
C HIS A 129 5.64 21.05 -12.44
N PRO A 130 6.67 20.27 -12.79
CA PRO A 130 6.47 18.85 -12.86
C PRO A 130 6.53 18.25 -11.45
N TYR A 131 6.42 16.93 -11.37
CA TYR A 131 6.30 16.24 -10.08
C TYR A 131 6.77 14.81 -10.28
N LEU A 132 7.45 14.26 -9.29
CA LEU A 132 7.89 12.85 -9.37
C LEU A 132 7.55 12.18 -8.04
N PHE A 133 7.10 10.92 -8.08
CA PHE A 133 6.98 10.12 -6.82
C PHE A 133 7.30 8.64 -7.05
N SER A 134 7.80 7.99 -6.02
CA SER A 134 8.15 6.58 -6.09
C SER A 134 7.09 5.78 -5.30
N GLN A 135 7.10 4.50 -5.56
CA GLN A 135 6.35 3.53 -4.85
C GLN A 135 7.09 2.17 -5.00
N CYS A 136 7.88 1.80 -3.99
CA CYS A 136 8.75 0.60 -4.10
C CYS A 136 8.08 -0.74 -3.74
N GLN A 137 7.03 -0.70 -2.94
CA GLN A 137 6.43 -1.95 -2.54
C GLN A 137 5.69 -2.58 -3.73
N ALA A 138 5.90 -3.86 -4.06
CA ALA A 138 6.74 -4.79 -3.26
C ALA A 138 8.19 -4.83 -3.69
N ILE A 139 8.39 -5.00 -5.00
CA ILE A 139 9.76 -5.24 -5.53
C ILE A 139 10.14 -4.24 -6.65
N HIS A 140 9.87 -2.97 -6.40
CA HIS A 140 10.20 -1.92 -7.34
C HIS A 140 11.40 -1.09 -6.90
N CYS A 141 11.91 -1.32 -5.69
CA CYS A 141 13.12 -0.59 -5.31
C CYS A 141 14.27 -0.84 -6.34
N ARG A 142 14.34 -2.07 -6.87
CA ARG A 142 15.37 -2.47 -7.87
C ARG A 142 15.25 -1.66 -9.15
N ALA A 143 14.09 -1.04 -9.33
CA ALA A 143 13.85 -0.18 -10.45
C ALA A 143 14.33 1.29 -10.20
N ILE A 144 14.83 1.56 -9.00
CA ILE A 144 15.39 2.87 -8.69
C ILE A 144 16.91 2.77 -8.48
N LEU A 145 17.35 1.73 -7.80
CA LEU A 145 18.78 1.60 -7.47
C LEU A 145 19.15 0.13 -7.30
N PRO A 146 20.44 -0.21 -7.51
CA PRO A 146 20.79 -1.60 -7.33
C PRO A 146 20.81 -1.93 -5.83
N CYS A 147 20.13 -3.01 -5.43
CA CYS A 147 20.02 -3.38 -4.03
C CYS A 147 19.64 -4.86 -3.88
N GLN A 148 19.79 -5.40 -2.67
CA GLN A 148 19.23 -6.69 -2.31
C GLN A 148 17.73 -6.45 -2.07
N ASP A 149 16.91 -6.64 -3.12
CA ASP A 149 15.50 -6.15 -3.04
C ASP A 149 14.59 -7.19 -2.41
N THR A 150 14.79 -7.37 -1.11
CA THR A 150 14.12 -8.39 -0.34
C THR A 150 13.92 -7.80 1.06
N PRO A 151 12.73 -7.99 1.64
CA PRO A 151 12.46 -7.42 2.98
C PRO A 151 13.15 -8.21 4.07
N SER A 152 13.87 -9.27 3.67
CA SER A 152 14.62 -10.06 4.64
C SER A 152 15.92 -9.36 5.11
N VAL A 153 16.25 -8.25 4.45
CA VAL A 153 17.43 -7.45 4.77
C VAL A 153 16.98 -6.06 5.18
N LYS A 154 17.54 -5.55 6.27
CA LYS A 154 17.20 -4.20 6.74
C LYS A 154 18.48 -3.37 6.86
N LEU A 155 18.37 -2.14 6.39
CA LEU A 155 19.51 -1.23 6.29
C LEU A 155 19.11 0.15 6.74
N THR A 156 20.06 0.91 7.28
CA THR A 156 19.86 2.37 7.42
C THR A 156 20.22 3.07 6.08
N TYR A 157 19.86 4.34 5.95
CA TYR A 157 20.23 5.05 4.76
C TYR A 157 20.39 6.54 4.98
N THR A 158 21.24 7.16 4.14
CA THR A 158 21.37 8.62 4.08
C THR A 158 21.30 8.96 2.60
N ALA A 159 20.82 10.16 2.25
CA ALA A 159 20.70 10.55 0.87
C ALA A 159 20.84 12.07 0.68
N GLU A 160 21.37 12.45 -0.48
CA GLU A 160 21.55 13.82 -0.89
C GLU A 160 20.93 13.84 -2.27
N VAL A 161 19.94 14.70 -2.48
CA VAL A 161 19.18 14.67 -3.72
C VAL A 161 19.16 16.06 -4.39
N SER A 162 19.72 16.15 -5.59
CA SER A 162 19.76 17.44 -6.30
C SER A 162 18.52 17.58 -7.16
N VAL A 163 17.79 18.68 -6.97
CA VAL A 163 16.58 18.95 -7.73
C VAL A 163 16.54 20.41 -8.23
N PRO A 164 15.78 20.68 -9.30
CA PRO A 164 15.54 22.08 -9.64
C PRO A 164 15.20 22.91 -8.37
N LYS A 165 15.80 24.09 -8.24
CA LYS A 165 15.73 24.87 -6.99
C LYS A 165 14.33 25.33 -6.60
N GLU A 166 13.42 25.39 -7.56
CA GLU A 166 12.05 25.77 -7.24
C GLU A 166 11.22 24.60 -6.68
N LEU A 167 11.79 23.40 -6.67
CA LEU A 167 11.05 22.24 -6.19
C LEU A 167 11.56 21.79 -4.82
N VAL A 168 10.79 20.90 -4.20
CA VAL A 168 11.17 20.34 -2.87
C VAL A 168 11.28 18.84 -3.02
N ALA A 169 12.34 18.25 -2.43
CA ALA A 169 12.44 16.81 -2.27
C ALA A 169 12.07 16.39 -0.85
N LEU A 170 11.31 15.29 -0.72
CA LEU A 170 11.14 14.58 0.56
C LEU A 170 11.39 13.11 0.41
N MET A 171 11.73 12.43 1.51
CA MET A 171 12.02 11.00 1.51
C MET A 171 11.47 10.36 2.77
N SER A 172 11.58 9.03 2.85
CA SER A 172 11.12 8.26 4.01
C SER A 172 12.20 8.26 5.10
N ALA A 173 12.42 9.43 5.65
CA ALA A 173 13.59 9.70 6.47
C ALA A 173 13.44 11.05 7.13
N ILE A 174 14.34 11.35 8.05
CA ILE A 174 14.30 12.66 8.68
C ILE A 174 15.01 13.70 7.77
N ARG A 175 14.39 14.86 7.58
CA ARG A 175 14.98 15.92 6.76
C ARG A 175 16.25 16.39 7.43
N ASP A 176 17.36 16.45 6.70
CA ASP A 176 18.59 16.85 7.33
C ASP A 176 19.21 18.10 6.68
N GLY A 177 18.37 19.03 6.22
CA GLY A 177 18.84 20.31 5.65
C GLY A 177 18.78 20.43 4.13
N GLU A 178 19.03 21.64 3.61
CA GLU A 178 18.98 21.94 2.18
C GLU A 178 20.07 22.97 1.84
N THR A 179 20.65 22.88 0.64
CA THR A 179 21.59 23.90 0.19
C THR A 179 21.49 24.09 -1.30
N PRO A 180 22.02 25.23 -1.82
CA PRO A 180 22.20 25.28 -3.27
C PRO A 180 23.17 24.18 -3.73
N ASP A 181 22.99 23.64 -4.93
CA ASP A 181 23.89 22.65 -5.53
C ASP A 181 25.16 23.36 -6.07
N PRO A 182 26.32 23.06 -5.47
CA PRO A 182 27.61 23.67 -5.87
C PRO A 182 28.04 23.38 -7.31
N GLU A 183 27.38 22.43 -7.98
CA GLU A 183 27.73 22.04 -9.34
C GLU A 183 26.78 22.62 -10.39
N ASP A 184 25.68 23.25 -9.91
CA ASP A 184 24.61 23.74 -10.79
C ASP A 184 23.64 24.61 -9.97
N PRO A 185 23.79 25.93 -10.08
CA PRO A 185 23.13 26.96 -9.29
C PRO A 185 21.62 27.09 -9.54
N SER A 186 21.12 26.41 -10.56
CA SER A 186 19.69 26.35 -10.78
C SER A 186 19.06 25.24 -9.90
N ARG A 187 19.89 24.63 -9.05
CA ARG A 187 19.51 23.42 -8.29
C ARG A 187 19.74 23.56 -6.81
N LYS A 188 18.97 22.78 -6.05
CA LYS A 188 19.13 22.63 -4.61
C LYS A 188 19.43 21.17 -4.25
N ILE A 189 20.16 20.97 -3.16
CA ILE A 189 20.44 19.62 -2.67
C ILE A 189 19.70 19.45 -1.34
N TYR A 190 18.84 18.45 -1.26
CA TYR A 190 18.19 18.15 0.02
C TYR A 190 18.82 16.91 0.60
N LYS A 191 18.94 16.87 1.92
CA LYS A 191 19.60 15.77 2.60
C LYS A 191 18.66 15.08 3.58
N PHE A 192 18.92 13.80 3.82
CA PHE A 192 17.98 12.95 4.55
C PHE A 192 18.78 11.91 5.32
N ILE A 193 18.23 11.51 6.47
CA ILE A 193 18.83 10.44 7.25
C ILE A 193 17.77 9.51 7.84
N GLN A 194 17.91 8.24 7.56
CA GLN A 194 17.04 7.22 8.17
C GLN A 194 17.91 6.31 9.05
N LYS A 195 17.83 6.53 10.36
CA LYS A 195 18.72 5.93 11.38
C LYS A 195 18.16 4.59 11.89
N VAL A 196 16.89 4.32 11.56
CA VAL A 196 16.28 3.06 11.95
C VAL A 196 16.40 2.10 10.74
N PRO A 197 16.92 0.88 10.94
CA PRO A 197 17.08 -0.06 9.82
C PRO A 197 15.72 -0.41 9.21
N ILE A 198 15.64 -0.37 7.89
CA ILE A 198 14.39 -0.65 7.16
C ILE A 198 14.65 -1.59 5.99
N PRO A 199 13.62 -2.37 5.59
CA PRO A 199 13.71 -3.08 4.32
C PRO A 199 13.68 -2.04 3.21
N CYS A 200 14.28 -2.38 2.07
CA CYS A 200 14.40 -1.41 0.98
C CYS A 200 13.04 -1.03 0.32
N TYR A 201 11.98 -1.83 0.52
CA TYR A 201 10.70 -1.44 -0.07
C TYR A 201 10.11 -0.17 0.55
N LEU A 202 10.69 0.27 1.67
CA LEU A 202 10.22 1.47 2.40
C LEU A 202 11.02 2.71 2.00
N ILE A 203 11.99 2.55 1.08
CA ILE A 203 12.68 3.73 0.55
C ILE A 203 11.68 4.44 -0.36
N ALA A 204 11.54 5.75 -0.18
CA ALA A 204 10.63 6.56 -1.01
C ALA A 204 11.18 7.98 -1.25
N LEU A 205 10.75 8.58 -2.36
CA LEU A 205 11.21 9.89 -2.84
C LEU A 205 10.02 10.56 -3.53
N VAL A 206 9.78 11.81 -3.16
CA VAL A 206 8.89 12.68 -3.90
C VAL A 206 9.65 13.96 -4.21
N VAL A 207 9.43 14.48 -5.40
CA VAL A 207 9.96 15.81 -5.79
C VAL A 207 8.87 16.63 -6.48
N GLY A 208 8.58 17.80 -5.92
CA GLY A 208 7.55 18.66 -6.53
C GLY A 208 7.43 19.99 -5.83
N ALA A 209 6.44 20.79 -6.27
CA ALA A 209 6.12 22.07 -5.67
C ALA A 209 5.28 21.87 -4.40
N LEU A 210 5.97 21.52 -3.31
CA LEU A 210 5.34 21.07 -2.05
C LEU A 210 5.35 22.14 -1.00
N GLU A 211 4.23 22.28 -0.31
CA GLU A 211 4.14 23.18 0.85
C GLU A 211 3.74 22.31 2.05
N SER A 212 3.91 22.83 3.25
CA SER A 212 3.58 22.11 4.45
C SER A 212 2.81 22.93 5.46
N ARG A 213 2.04 22.21 6.26
CA ARG A 213 1.38 22.81 7.37
C ARG A 213 1.44 21.88 8.58
N GLN A 214 1.79 22.46 9.73
CA GLN A 214 1.82 21.71 10.94
C GLN A 214 0.43 21.38 11.44
N ILE A 215 0.20 20.11 11.78
CA ILE A 215 -1.10 19.70 12.31
C ILE A 215 -0.99 18.92 13.63
N GLY A 216 0.22 18.70 14.11
CA GLY A 216 0.37 18.11 15.45
C GLY A 216 1.81 18.26 15.90
N PRO A 217 2.14 17.83 17.13
CA PRO A 217 3.49 18.06 17.66
C PRO A 217 4.59 17.33 16.89
N ARG A 218 4.22 16.31 16.13
CA ARG A 218 5.21 15.56 15.35
C ARG A 218 4.72 15.25 13.92
N THR A 219 3.81 16.08 13.42
CA THR A 219 3.22 15.83 12.12
C THR A 219 3.00 17.10 11.34
N LEU A 220 3.66 17.19 10.20
CA LEU A 220 3.32 18.14 9.14
C LEU A 220 2.60 17.42 8.04
N VAL A 221 1.65 18.10 7.42
CA VAL A 221 1.05 17.63 6.18
C VAL A 221 1.70 18.35 4.99
N TRP A 222 2.09 17.59 3.97
CA TRP A 222 2.74 18.10 2.76
C TRP A 222 1.84 17.86 1.54
N SER A 223 1.69 18.87 0.69
CA SER A 223 1.04 18.68 -0.60
C SER A 223 1.30 19.90 -1.46
N GLU A 224 0.77 19.89 -2.69
CA GLU A 224 0.72 21.12 -3.43
C GLU A 224 -0.17 22.12 -2.67
N LYS A 225 0.09 23.41 -2.88
CA LYS A 225 -0.55 24.49 -2.12
C LYS A 225 -2.06 24.34 -2.13
N GLU A 226 -2.63 23.98 -3.28
CA GLU A 226 -4.10 23.89 -3.35
C GLU A 226 -4.81 22.82 -2.51
N GLN A 227 -4.04 21.85 -1.98
CA GLN A 227 -4.58 20.78 -1.16
C GLN A 227 -4.19 20.95 0.32
N VAL A 228 -3.33 21.91 0.65
CA VAL A 228 -2.86 21.97 2.01
C VAL A 228 -3.96 22.19 3.07
N GLU A 229 -4.84 23.18 2.86
CA GLU A 229 -5.88 23.50 3.85
C GLU A 229 -6.86 22.31 4.06
N LYS A 230 -7.34 21.77 2.95
CA LYS A 230 -8.25 20.64 3.01
C LYS A 230 -7.62 19.43 3.75
N SER A 231 -6.36 19.14 3.42
CA SER A 231 -5.61 18.02 4.06
C SER A 231 -5.37 18.22 5.56
N ALA A 232 -5.06 19.45 5.97
CA ALA A 232 -4.85 19.73 7.39
C ALA A 232 -6.09 19.38 8.20
N TYR A 233 -7.27 19.70 7.65
CA TYR A 233 -8.50 19.37 8.30
C TYR A 233 -8.82 17.87 8.25
N GLU A 234 -8.71 17.30 7.06
CA GLU A 234 -9.08 15.89 6.87
C GLU A 234 -8.33 15.00 7.83
N PHE A 235 -7.05 15.31 8.03
CA PHE A 235 -6.17 14.45 8.85
C PHE A 235 -5.87 15.00 10.24
N SER A 236 -6.75 15.87 10.73
CA SER A 236 -6.50 16.49 12.04
C SER A 236 -6.48 15.52 13.23
N GLU A 237 -7.07 14.32 13.08
CA GLU A 237 -7.07 13.30 14.15
C GLU A 237 -5.76 12.51 14.26
N THR A 238 -4.76 12.86 13.44
CA THR A 238 -3.53 12.08 13.30
C THR A 238 -2.76 11.93 14.64
N GLU A 239 -2.53 13.03 15.32
CA GLU A 239 -1.88 12.95 16.62
C GLU A 239 -2.62 12.03 17.65
N SER A 240 -3.94 12.15 17.76
CA SER A 240 -4.74 11.33 18.65
C SER A 240 -4.62 9.83 18.32
N MET A 241 -4.63 9.51 17.02
CA MET A 241 -4.35 8.14 16.55
C MET A 241 -2.95 7.66 16.89
N LEU A 242 -1.95 8.49 16.66
CA LEU A 242 -0.58 8.16 17.08
C LEU A 242 -0.47 7.82 18.55
N LYS A 243 -1.15 8.60 19.43
CA LYS A 243 -1.10 8.35 20.90
C LYS A 243 -1.69 7.00 21.24
N ILE A 244 -2.80 6.69 20.58
CA ILE A 244 -3.45 5.42 20.81
C ILE A 244 -2.58 4.27 20.26
N ALA A 245 -2.04 4.46 19.04
CA ALA A 245 -1.15 3.45 18.44
C ALA A 245 0.02 3.17 19.40
N GLU A 246 0.58 4.23 20.01
CA GLU A 246 1.71 4.08 20.92
C GLU A 246 1.34 3.34 22.18
N ASP A 247 0.11 3.50 22.62
CA ASP A 247 -0.36 2.77 23.78
C ASP A 247 -0.45 1.29 23.45
N LEU A 248 -0.93 0.96 22.25
CA LEU A 248 -1.10 -0.44 21.88
C LEU A 248 0.20 -1.11 21.45
N GLY A 249 1.08 -0.39 20.78
CA GLY A 249 2.22 -1.03 20.14
C GLY A 249 3.59 -0.84 20.80
N GLY A 250 3.67 0.12 21.70
CA GLY A 250 4.95 0.54 22.29
C GLY A 250 5.40 1.85 21.65
N PRO A 251 6.58 2.34 22.04
CA PRO A 251 7.12 3.60 21.60
C PRO A 251 7.13 3.74 20.08
N TYR A 252 6.72 4.91 19.63
CA TYR A 252 6.94 5.27 18.23
C TYR A 252 8.42 5.62 18.08
N VAL A 253 9.16 4.86 17.27
CA VAL A 253 10.64 5.04 17.26
C VAL A 253 11.15 5.92 16.11
N TRP A 254 10.26 6.37 15.24
CA TRP A 254 10.70 6.90 13.95
C TRP A 254 10.95 8.40 13.94
N GLY A 255 10.65 9.07 15.04
CA GLY A 255 10.87 10.53 15.14
C GLY A 255 9.63 11.32 14.69
N GLN A 256 9.59 11.64 13.41
CA GLN A 256 8.53 12.41 12.79
C GLN A 256 7.41 11.42 12.28
N TYR A 257 6.16 11.88 12.26
CA TYR A 257 5.12 11.22 11.51
C TYR A 257 4.47 12.26 10.59
N ASP A 258 5.07 12.50 9.43
CA ASP A 258 4.50 13.46 8.47
C ASP A 258 3.58 12.75 7.49
N LEU A 259 2.73 13.53 6.80
CA LEU A 259 1.83 12.96 5.81
C LEU A 259 2.10 13.66 4.51
N LEU A 260 2.11 12.91 3.43
CA LEU A 260 2.23 13.53 2.11
C LEU A 260 0.98 13.12 1.34
N VAL A 261 0.27 14.11 0.79
CA VAL A 261 -0.93 13.83 -0.01
C VAL A 261 -0.54 13.97 -1.48
N LEU A 262 -0.57 12.85 -2.18
CA LEU A 262 -0.04 12.75 -3.55
C LEU A 262 -1.06 13.26 -4.56
N PRO A 263 -0.64 13.38 -5.82
CA PRO A 263 -1.61 13.65 -6.85
C PRO A 263 -2.44 12.38 -7.08
N PRO A 264 -3.53 12.50 -7.85
CA PRO A 264 -4.63 11.54 -7.85
C PRO A 264 -4.23 10.22 -8.45
N SER A 265 -3.14 10.19 -9.24
CA SER A 265 -2.69 8.91 -9.82
C SER A 265 -1.96 7.99 -8.84
N PHE A 266 -1.80 8.43 -7.59
CA PHE A 266 -1.13 7.57 -6.62
C PHE A 266 -1.86 6.23 -6.48
N PRO A 267 -1.14 5.09 -6.59
CA PRO A 267 -1.90 3.86 -6.86
C PRO A 267 -2.58 3.20 -5.67
N TYR A 268 -2.24 3.58 -4.45
CA TYR A 268 -2.79 2.93 -3.24
C TYR A 268 -3.48 3.94 -2.30
N GLY A 269 -4.28 3.46 -1.35
CA GLY A 269 -4.92 4.38 -0.40
C GLY A 269 -3.83 5.10 0.41
N GLY A 270 -2.79 4.34 0.74
CA GLY A 270 -1.64 4.95 1.43
C GLY A 270 -0.45 4.01 1.39
N MET A 271 0.71 4.50 1.77
CA MET A 271 1.92 3.67 1.76
C MET A 271 2.71 4.12 2.97
N GLU A 272 3.04 3.14 3.82
CA GLU A 272 3.56 3.44 5.17
C GLU A 272 5.05 3.83 5.17
N ASN A 273 5.48 4.63 4.21
CA ASN A 273 6.90 5.05 4.18
C ASN A 273 7.29 5.67 5.51
N PRO A 274 8.40 5.20 6.10
CA PRO A 274 8.73 5.64 7.46
C PRO A 274 9.03 7.15 7.49
N CYS A 275 8.47 7.84 8.48
CA CYS A 275 8.57 9.29 8.68
C CYS A 275 7.71 10.11 7.75
N LEU A 276 7.23 9.51 6.69
CA LEU A 276 6.46 10.24 5.68
C LEU A 276 5.46 9.29 4.99
N THR A 277 4.34 9.07 5.66
CA THR A 277 3.22 8.32 5.02
C THR A 277 2.72 9.03 3.75
N PHE A 278 2.60 8.27 2.67
CA PHE A 278 2.04 8.75 1.40
C PHE A 278 0.56 8.41 1.40
N VAL A 279 -0.30 9.35 1.01
CA VAL A 279 -1.74 9.04 0.90
C VAL A 279 -2.38 9.55 -0.39
N THR A 280 -3.42 8.86 -0.81
CA THR A 280 -4.22 9.27 -1.98
C THR A 280 -5.06 10.51 -1.65
N PRO A 281 -5.19 11.45 -2.60
CA PRO A 281 -6.09 12.56 -2.35
C PRO A 281 -7.57 12.14 -2.38
N THR A 282 -7.85 10.86 -2.68
CA THR A 282 -9.24 10.41 -2.67
C THR A 282 -9.76 10.26 -1.24
N LEU A 283 -8.86 10.43 -0.24
CA LEU A 283 -9.26 10.46 1.16
C LEU A 283 -9.92 11.79 1.53
N LEU A 284 -9.81 12.82 0.70
CA LEU A 284 -10.28 14.16 1.08
C LEU A 284 -11.77 14.31 0.90
N ALA A 285 -12.50 13.59 1.75
CA ALA A 285 -13.95 13.53 1.74
C ALA A 285 -14.58 14.81 2.31
N GLY A 286 -13.84 15.56 3.12
CA GLY A 286 -14.34 16.82 3.70
C GLY A 286 -14.90 16.65 5.09
N ASP A 287 -15.02 15.40 5.54
CA ASP A 287 -15.56 15.14 6.87
C ASP A 287 -14.76 14.15 7.73
N LYS A 288 -13.53 13.86 7.33
CA LYS A 288 -12.66 12.90 8.04
C LYS A 288 -13.15 11.46 8.00
N SER A 289 -14.14 11.16 7.14
CA SER A 289 -14.77 9.85 7.17
C SER A 289 -13.86 8.69 6.71
N LEU A 290 -12.82 8.98 5.95
CA LEU A 290 -11.93 7.91 5.43
C LEU A 290 -10.60 7.86 6.20
N SER A 291 -10.65 8.34 7.45
CA SER A 291 -9.45 8.44 8.31
C SER A 291 -8.96 7.05 8.79
N ASN A 292 -9.75 6.00 8.59
CA ASN A 292 -9.22 4.68 8.89
C ASN A 292 -7.92 4.36 8.13
N VAL A 293 -7.77 4.91 6.93
CA VAL A 293 -6.54 4.69 6.13
C VAL A 293 -5.33 5.31 6.86
N ILE A 294 -5.50 6.48 7.47
CA ILE A 294 -4.42 7.05 8.32
C ILE A 294 -4.13 6.14 9.51
N ALA A 295 -5.18 5.69 10.21
CA ALA A 295 -4.98 4.75 11.32
C ALA A 295 -4.17 3.52 10.82
N HIS A 296 -4.47 3.06 9.61
CA HIS A 296 -3.82 1.89 9.05
C HIS A 296 -2.35 2.21 8.78
N GLU A 297 -2.09 3.35 8.12
CA GLU A 297 -0.68 3.74 7.85
C GLU A 297 0.16 3.96 9.12
N ILE A 298 -0.43 4.62 10.11
CA ILE A 298 0.18 4.76 11.43
C ILE A 298 0.53 3.41 12.06
N SER A 299 -0.41 2.47 12.02
CA SER A 299 -0.20 1.14 12.63
C SER A 299 1.00 0.38 12.06
N HIS A 300 1.24 0.56 10.76
CA HIS A 300 2.43 -0.01 10.06
C HIS A 300 3.77 0.41 10.66
N SER A 301 3.79 1.54 11.37
CA SER A 301 4.98 1.99 12.13
C SER A 301 5.45 0.93 13.13
N TRP A 302 4.54 0.03 13.51
CA TRP A 302 4.91 -1.12 14.28
C TRP A 302 4.85 -2.40 13.45
N THR A 303 3.67 -2.72 12.94
CA THR A 303 3.49 -3.97 12.24
C THR A 303 3.78 -3.77 10.76
N GLY A 304 4.95 -4.17 10.33
CA GLY A 304 5.38 -3.98 8.92
C GLY A 304 6.75 -3.30 8.92
N ASN A 305 6.83 -2.12 9.53
CA ASN A 305 8.08 -1.34 9.50
C ASN A 305 9.03 -1.71 10.64
N LEU A 306 8.50 -2.18 11.76
CA LEU A 306 9.36 -2.61 12.89
C LEU A 306 9.52 -4.13 12.82
N VAL A 307 8.40 -4.81 12.84
CA VAL A 307 8.36 -6.28 12.56
C VAL A 307 7.99 -6.42 11.09
N THR A 308 8.84 -7.07 10.31
CA THR A 308 8.64 -7.08 8.85
C THR A 308 8.54 -8.51 8.32
N ASN A 309 7.75 -8.71 7.25
CA ASN A 309 7.70 -10.03 6.61
C ASN A 309 9.05 -10.39 5.94
N LYS A 310 9.50 -11.61 6.12
CA LYS A 310 10.79 -12.07 5.60
C LYS A 310 10.80 -12.19 4.08
N THR A 311 9.67 -12.68 3.56
CA THR A 311 9.46 -12.67 2.13
C THR A 311 8.01 -12.27 1.88
N TRP A 312 7.69 -12.03 0.61
CA TRP A 312 6.35 -11.57 0.25
C TRP A 312 5.32 -12.70 0.40
N ASP A 313 5.79 -13.94 0.52
CA ASP A 313 4.84 -15.04 0.74
C ASP A 313 4.14 -14.78 2.10
N HIS A 314 4.80 -14.06 3.00
CA HIS A 314 4.30 -13.84 4.37
C HIS A 314 3.75 -12.43 4.62
N PHE A 315 3.34 -11.82 3.51
CA PHE A 315 2.78 -10.46 3.49
C PHE A 315 1.65 -10.27 4.44
N TRP A 316 0.83 -11.30 4.61
CA TRP A 316 -0.30 -11.22 5.54
C TRP A 316 0.16 -10.83 6.98
N LEU A 317 1.38 -11.17 7.36
CA LEU A 317 1.85 -10.74 8.69
C LEU A 317 1.79 -9.21 8.80
N ASN A 318 2.28 -8.53 7.75
CA ASN A 318 2.27 -7.08 7.70
C ASN A 318 0.86 -6.60 7.76
N GLU A 319 0.03 -7.09 6.84
CA GLU A 319 -1.31 -6.48 6.68
C GLU A 319 -2.33 -6.91 7.69
N GLY A 320 -2.33 -8.18 8.08
CA GLY A 320 -3.37 -8.67 9.01
C GLY A 320 -3.22 -8.00 10.37
N HIS A 321 -2.00 -7.98 10.88
CA HIS A 321 -1.74 -7.30 12.17
C HIS A 321 -1.99 -5.77 12.06
N THR A 322 -1.69 -5.17 10.90
CA THR A 322 -1.96 -3.72 10.71
C THR A 322 -3.45 -3.39 10.73
N VAL A 323 -4.26 -4.23 10.06
CA VAL A 323 -5.71 -4.02 10.02
C VAL A 323 -6.26 -4.22 11.44
N TYR A 324 -5.68 -5.21 12.13
CA TYR A 324 -6.10 -5.50 13.50
C TYR A 324 -5.86 -4.28 14.39
N LEU A 325 -4.67 -3.70 14.31
CA LEU A 325 -4.39 -2.48 15.08
C LEU A 325 -5.20 -1.27 14.65
N GLU A 326 -5.28 -1.05 13.34
CA GLU A 326 -6.15 -0.05 12.70
C GLU A 326 -7.56 -0.06 13.32
N ARG A 327 -8.17 -1.24 13.36
CA ARG A 327 -9.53 -1.39 13.90
C ARG A 327 -9.67 -1.13 15.40
N HIS A 328 -8.62 -1.46 16.14
CA HIS A 328 -8.56 -1.07 17.54
C HIS A 328 -8.45 0.47 17.73
N ILE A 329 -7.72 1.14 16.84
CA ILE A 329 -7.59 2.59 16.96
C ILE A 329 -8.94 3.20 16.74
N CYS A 330 -9.64 2.69 15.75
CA CYS A 330 -10.96 3.18 15.41
C CYS A 330 -11.97 2.82 16.53
N GLY A 331 -11.82 1.67 17.15
CA GLY A 331 -12.68 1.29 18.27
C GLY A 331 -12.47 2.17 19.49
N ARG A 332 -11.23 2.54 19.77
CA ARG A 332 -10.95 3.47 20.87
C ARG A 332 -11.55 4.84 20.60
N LEU A 333 -11.38 5.32 19.38
CA LEU A 333 -11.92 6.62 19.01
C LEU A 333 -13.42 6.72 18.97
N PHE A 334 -14.06 5.69 18.40
CA PHE A 334 -15.48 5.74 18.10
C PHE A 334 -16.33 4.64 18.71
N GLY A 335 -15.71 3.73 19.48
CA GLY A 335 -16.44 2.72 20.26
C GLY A 335 -16.37 1.30 19.71
N GLU A 336 -16.58 0.32 20.59
CA GLU A 336 -16.45 -1.10 20.24
C GLU A 336 -17.49 -1.58 19.21
N LYS A 337 -18.70 -1.04 19.28
CA LYS A 337 -19.73 -1.34 18.25
C LYS A 337 -19.21 -0.92 16.85
N PHE A 338 -18.49 0.18 16.78
CA PHE A 338 -17.86 0.61 15.52
C PHE A 338 -16.71 -0.32 15.01
N ARG A 339 -15.83 -0.75 15.91
CA ARG A 339 -14.82 -1.78 15.57
C ARG A 339 -15.48 -3.02 14.94
N HIS A 340 -16.54 -3.52 15.55
CA HIS A 340 -17.23 -4.72 15.02
C HIS A 340 -17.86 -4.45 13.65
N PHE A 341 -18.46 -3.28 13.48
CA PHE A 341 -19.02 -2.85 12.15
C PHE A 341 -17.94 -2.89 11.05
N ASN A 342 -16.77 -2.34 11.35
CA ASN A 342 -15.70 -2.34 10.34
C ASN A 342 -15.16 -3.73 10.15
N ALA A 343 -15.08 -4.48 11.25
CA ALA A 343 -14.62 -5.87 11.11
C ALA A 343 -15.58 -6.64 10.20
N LEU A 344 -16.88 -6.44 10.41
CA LEU A 344 -17.88 -7.21 9.66
C LEU A 344 -17.88 -6.81 8.19
N GLY A 345 -17.73 -5.53 7.91
CA GLY A 345 -17.47 -5.06 6.53
C GLY A 345 -16.26 -5.69 5.87
N GLY A 346 -15.18 -5.84 6.64
CA GLY A 346 -13.99 -6.47 6.13
C GLY A 346 -14.25 -7.92 5.73
N TRP A 347 -15.05 -8.65 6.50
CA TRP A 347 -15.46 -9.99 6.10
C TRP A 347 -16.21 -9.96 4.78
N GLY A 348 -17.10 -8.99 4.61
CA GLY A 348 -17.75 -8.73 3.30
C GLY A 348 -16.77 -8.59 2.15
N GLU A 349 -15.70 -7.82 2.36
CA GLU A 349 -14.73 -7.57 1.30
C GLU A 349 -13.97 -8.83 1.00
N LEU A 350 -13.71 -9.61 2.05
CA LEU A 350 -13.09 -10.95 1.88
C LEU A 350 -13.98 -11.87 1.05
N GLN A 351 -15.28 -11.89 1.37
CA GLN A 351 -16.24 -12.66 0.56
C GLN A 351 -16.11 -12.27 -0.90
N ASN A 352 -16.13 -10.96 -1.15
CA ASN A 352 -15.95 -10.43 -2.50
C ASN A 352 -14.68 -10.91 -3.18
N SER A 353 -13.54 -10.84 -2.49
CA SER A 353 -12.25 -11.15 -3.13
C SER A 353 -12.14 -12.62 -3.54
N VAL A 354 -12.66 -13.48 -2.65
CA VAL A 354 -12.67 -14.90 -2.83
C VAL A 354 -13.62 -15.21 -3.98
N LYS A 355 -14.74 -14.49 -4.04
CA LYS A 355 -15.72 -14.76 -5.09
C LYS A 355 -15.13 -14.39 -6.43
N THR A 356 -14.43 -13.26 -6.47
CA THR A 356 -13.80 -12.79 -7.69
C THR A 356 -12.69 -13.76 -8.18
N PHE A 357 -11.76 -14.13 -7.30
CA PHE A 357 -10.69 -15.08 -7.64
C PHE A 357 -11.23 -16.50 -7.89
N GLY A 358 -12.25 -16.88 -7.13
CA GLY A 358 -12.72 -18.24 -7.11
C GLY A 358 -12.19 -18.91 -5.88
N GLU A 359 -13.05 -19.70 -5.23
CA GLU A 359 -12.77 -20.23 -3.91
C GLU A 359 -11.62 -21.24 -3.80
N THR A 360 -11.07 -21.66 -4.94
CA THR A 360 -9.94 -22.58 -4.93
C THR A 360 -8.67 -21.91 -5.42
N HIS A 361 -8.73 -20.61 -5.76
CA HIS A 361 -7.59 -19.89 -6.34
C HIS A 361 -6.43 -19.76 -5.31
N PRO A 362 -5.19 -20.04 -5.74
CA PRO A 362 -4.03 -19.94 -4.84
C PRO A 362 -3.79 -18.54 -4.19
N PHE A 363 -4.30 -17.46 -4.78
CA PHE A 363 -4.15 -16.11 -4.21
C PHE A 363 -5.18 -15.87 -3.08
N THR A 364 -6.05 -16.84 -2.81
CA THR A 364 -6.95 -16.74 -1.65
C THR A 364 -6.42 -17.46 -0.44
N LYS A 365 -5.20 -17.99 -0.60
CA LYS A 365 -4.51 -18.57 0.51
C LYS A 365 -3.90 -17.44 1.34
N LEU A 366 -3.76 -17.67 2.64
CA LEU A 366 -3.22 -16.65 3.56
C LEU A 366 -1.72 -16.55 3.36
N VAL A 367 -1.05 -17.70 3.41
CA VAL A 367 0.36 -17.77 2.98
C VAL A 367 0.36 -18.23 1.54
N VAL A 368 0.98 -17.45 0.68
CA VAL A 368 0.97 -17.71 -0.74
C VAL A 368 2.36 -18.17 -1.19
N ASP A 369 2.42 -18.76 -2.36
CA ASP A 369 3.69 -19.14 -2.96
C ASP A 369 3.89 -18.27 -4.20
N LEU A 370 4.78 -17.28 -4.10
CA LEU A 370 4.94 -16.33 -5.18
C LEU A 370 6.00 -16.72 -6.24
N THR A 371 6.48 -17.97 -6.21
CA THR A 371 7.43 -18.48 -7.21
C THR A 371 6.89 -18.23 -8.61
N ASP A 372 7.61 -17.46 -9.39
CA ASP A 372 7.13 -17.16 -10.74
C ASP A 372 5.80 -16.35 -10.85
N ILE A 373 5.42 -15.62 -9.79
CA ILE A 373 4.21 -14.79 -9.81
C ILE A 373 4.64 -13.36 -9.55
N ASP A 374 4.23 -12.41 -10.39
CA ASP A 374 4.47 -11.01 -10.14
C ASP A 374 3.66 -10.61 -8.88
N PRO A 375 4.33 -10.08 -7.83
CA PRO A 375 3.60 -9.69 -6.61
C PRO A 375 2.43 -8.71 -6.88
N ASP A 376 2.55 -7.86 -7.90
CA ASP A 376 1.53 -6.86 -8.18
C ASP A 376 0.28 -7.54 -8.73
N VAL A 377 0.44 -8.71 -9.34
CA VAL A 377 -0.68 -9.49 -9.88
C VAL A 377 -1.45 -10.20 -8.79
N ALA A 378 -0.71 -10.67 -7.80
CA ALA A 378 -1.26 -11.35 -6.64
C ALA A 378 -1.94 -10.40 -5.64
N TYR A 379 -1.56 -9.12 -5.63
CA TYR A 379 -2.07 -8.17 -4.65
C TYR A 379 -3.60 -8.12 -4.58
N SER A 380 -4.16 -8.24 -3.37
CA SER A 380 -5.63 -8.14 -3.16
C SER A 380 -5.92 -7.90 -1.69
N SER A 381 -7.21 -7.90 -1.35
CA SER A 381 -7.72 -7.83 0.03
C SER A 381 -7.50 -9.05 0.87
N VAL A 382 -7.11 -10.16 0.24
CA VAL A 382 -7.01 -11.38 1.02
C VAL A 382 -6.06 -11.29 2.25
N PRO A 383 -4.81 -10.90 2.04
CA PRO A 383 -3.90 -10.88 3.20
C PRO A 383 -4.37 -9.92 4.30
N TYR A 384 -5.04 -8.83 3.89
CA TYR A 384 -5.61 -7.82 4.81
C TYR A 384 -6.76 -8.45 5.62
N GLU A 385 -7.72 -9.04 4.93
CA GLU A 385 -8.95 -9.44 5.58
C GLU A 385 -8.96 -10.89 6.03
N LYS A 386 -8.33 -11.79 5.26
CA LYS A 386 -8.13 -13.11 5.79
C LYS A 386 -7.21 -13.08 7.01
N GLY A 387 -6.20 -12.22 6.96
CA GLY A 387 -5.25 -12.05 8.06
C GLY A 387 -5.98 -11.44 9.27
N PHE A 388 -6.74 -10.38 9.04
CA PHE A 388 -7.54 -9.83 10.14
C PHE A 388 -8.50 -10.87 10.71
N ALA A 389 -9.27 -11.54 9.84
CA ALA A 389 -10.20 -12.56 10.37
C ALA A 389 -9.55 -13.62 11.27
N LEU A 390 -8.36 -14.10 10.91
CA LEU A 390 -7.59 -14.99 11.76
C LEU A 390 -7.30 -14.40 13.15
N LEU A 391 -6.86 -13.14 13.18
CA LEU A 391 -6.47 -12.50 14.43
C LEU A 391 -7.72 -12.23 15.32
N PHE A 392 -8.81 -11.85 14.68
CA PHE A 392 -10.10 -11.61 15.36
C PHE A 392 -10.66 -12.92 15.97
N TYR A 393 -10.65 -13.99 15.18
CA TYR A 393 -10.99 -15.34 15.65
C TYR A 393 -10.12 -15.79 16.86
N LEU A 394 -8.81 -15.58 16.77
CA LEU A 394 -7.90 -15.88 17.90
C LEU A 394 -8.19 -15.01 19.15
N GLU A 395 -8.48 -13.74 18.92
CA GLU A 395 -8.88 -12.84 19.98
C GLU A 395 -10.08 -13.43 20.78
N GLN A 396 -11.11 -13.84 20.06
CA GLN A 396 -12.31 -14.45 20.67
C GLN A 396 -12.04 -15.79 21.33
N LEU A 397 -11.11 -16.54 20.78
CA LEU A 397 -10.74 -17.85 21.31
C LEU A 397 -9.95 -17.70 22.58
N LEU A 398 -9.06 -16.73 22.61
CA LEU A 398 -8.07 -16.63 23.65
C LEU A 398 -8.44 -15.73 24.83
N GLY A 399 -9.66 -15.17 24.83
CA GLY A 399 -10.08 -14.43 26.02
C GLY A 399 -10.47 -12.98 25.80
N GLY A 400 -10.34 -12.48 24.58
CA GLY A 400 -10.86 -11.14 24.33
C GLY A 400 -9.79 -10.11 23.94
N PRO A 401 -10.23 -8.91 23.54
CA PRO A 401 -9.30 -7.91 23.01
C PRO A 401 -8.19 -7.46 23.97
N GLU A 402 -8.48 -7.33 25.27
CA GLU A 402 -7.40 -6.90 26.18
C GLU A 402 -6.28 -7.92 26.20
N ILE A 403 -6.66 -9.18 26.33
CA ILE A 403 -5.72 -10.29 26.32
C ILE A 403 -4.93 -10.33 25.01
N PHE A 404 -5.63 -10.22 23.88
CA PHE A 404 -4.94 -10.39 22.58
C PHE A 404 -4.03 -9.18 22.27
N LEU A 405 -4.42 -8.00 22.75
CA LEU A 405 -3.57 -6.80 22.60
C LEU A 405 -2.25 -6.93 23.41
N GLY A 406 -2.30 -7.65 24.54
CA GLY A 406 -1.09 -7.96 25.31
C GLY A 406 -0.13 -8.77 24.45
N PHE A 407 -0.69 -9.73 23.70
CA PHE A 407 0.08 -10.57 22.76
C PHE A 407 0.67 -9.74 21.64
N LEU A 408 -0.16 -8.88 21.06
CA LEU A 408 0.30 -8.03 19.96
C LEU A 408 1.49 -7.12 20.39
N LYS A 409 1.38 -6.46 21.53
CA LYS A 409 2.47 -5.67 22.07
C LYS A 409 3.73 -6.51 22.30
N ALA A 410 3.58 -7.70 22.88
CA ALA A 410 4.74 -8.57 23.15
C ALA A 410 5.37 -9.05 21.83
N TYR A 411 4.52 -9.31 20.84
CA TYR A 411 4.97 -9.70 19.50
C TYR A 411 5.80 -8.60 18.82
N VAL A 412 5.33 -7.36 18.89
CA VAL A 412 6.10 -6.26 18.35
C VAL A 412 7.45 -6.11 19.07
N GLU A 413 7.44 -6.23 20.40
CA GLU A 413 8.65 -6.12 21.24
C GLU A 413 9.65 -7.20 20.84
N LYS A 414 9.14 -8.43 20.72
CA LYS A 414 9.95 -9.59 20.39
C LYS A 414 10.68 -9.46 19.03
N PHE A 415 9.97 -8.99 18.01
CA PHE A 415 10.47 -9.06 16.62
C PHE A 415 10.81 -7.71 15.98
N SER A 416 10.87 -6.67 16.80
CA SER A 416 11.28 -5.37 16.37
C SER A 416 12.66 -5.40 15.72
N TYR A 417 12.76 -4.74 14.56
CA TYR A 417 13.97 -4.63 13.77
C TYR A 417 14.33 -5.96 13.09
N LYS A 418 13.39 -6.90 13.05
CA LYS A 418 13.68 -8.21 12.50
C LYS A 418 12.74 -8.45 11.32
N SER A 419 13.05 -9.48 10.54
CA SER A 419 12.15 -9.99 9.51
C SER A 419 11.81 -11.46 9.83
N ILE A 420 10.53 -11.80 9.69
CA ILE A 420 10.04 -13.05 10.17
C ILE A 420 9.06 -13.72 9.20
N THR A 421 8.86 -15.03 9.43
CA THR A 421 7.91 -15.84 8.66
C THR A 421 6.69 -16.17 9.51
N THR A 422 5.73 -16.78 8.87
CA THR A 422 4.55 -17.28 9.58
C THR A 422 4.86 -18.24 10.73
N ASP A 423 5.82 -19.13 10.52
CA ASP A 423 6.17 -20.08 11.58
C ASP A 423 6.78 -19.40 12.80
N ASP A 424 7.57 -18.34 12.59
CA ASP A 424 8.05 -17.48 13.69
C ASP A 424 6.90 -16.90 14.46
N TRP A 425 5.91 -16.37 13.74
CA TRP A 425 4.74 -15.79 14.38
C TRP A 425 4.01 -16.85 15.18
N LYS A 426 3.75 -18.00 14.57
CA LYS A 426 2.97 -19.06 15.22
C LYS A 426 3.70 -19.62 16.43
N ASP A 427 5.01 -19.81 16.28
CA ASP A 427 5.87 -20.21 17.39
C ASP A 427 5.78 -19.25 18.55
N PHE A 428 5.83 -17.94 18.30
CA PHE A 428 5.70 -16.97 19.39
C PHE A 428 4.28 -16.98 19.95
N LEU A 429 3.26 -17.16 19.10
CA LEU A 429 1.86 -17.23 19.59
C LEU A 429 1.70 -18.34 20.63
N TYR A 430 2.28 -19.50 20.31
CA TYR A 430 2.25 -20.68 21.20
C TYR A 430 3.06 -20.47 22.47
N SER A 431 4.16 -19.74 22.36
CA SER A 431 4.99 -19.41 23.51
C SER A 431 4.23 -18.45 24.46
N TYR A 432 3.72 -17.36 23.90
CA TYR A 432 2.97 -16.38 24.67
C TYR A 432 1.76 -16.97 25.38
N PHE A 433 1.00 -17.79 24.67
CA PHE A 433 -0.22 -18.38 25.23
C PHE A 433 0.04 -19.80 25.63
N LYS A 434 1.19 -20.11 26.21
CA LYS A 434 1.46 -21.53 26.48
C LYS A 434 0.53 -22.20 27.49
N ASP A 435 -0.17 -21.41 28.30
CA ASP A 435 -1.23 -21.93 29.17
C ASP A 435 -2.58 -22.10 28.47
N LYS A 436 -2.64 -21.73 27.20
CA LYS A 436 -3.85 -21.88 26.40
C LYS A 436 -3.56 -22.69 25.14
N VAL A 437 -2.52 -23.52 25.20
CA VAL A 437 -2.11 -24.33 24.06
C VAL A 437 -3.20 -25.31 23.60
N ASP A 438 -4.02 -25.79 24.54
CA ASP A 438 -5.05 -26.78 24.20
C ASP A 438 -6.16 -26.10 23.36
N VAL A 439 -6.42 -24.82 23.65
CA VAL A 439 -7.29 -23.98 22.81
C VAL A 439 -6.65 -23.71 21.44
N LEU A 440 -5.36 -23.37 21.43
CA LEU A 440 -4.64 -23.17 20.17
C LEU A 440 -4.66 -24.42 19.31
N ASN A 441 -4.59 -25.59 19.94
CA ASN A 441 -4.57 -26.84 19.18
C ASN A 441 -5.93 -27.19 18.55
N GLN A 442 -7.00 -26.54 19.02
CA GLN A 442 -8.31 -26.66 18.36
C GLN A 442 -8.40 -25.87 17.04
N VAL A 443 -7.51 -24.91 16.83
CA VAL A 443 -7.48 -24.17 15.54
C VAL A 443 -7.07 -25.02 14.35
N ASP A 444 -7.78 -24.91 13.22
CA ASP A 444 -7.41 -25.67 12.02
C ASP A 444 -6.31 -24.92 11.26
N TRP A 445 -5.06 -25.06 11.72
CA TRP A 445 -3.95 -24.25 11.19
C TRP A 445 -3.78 -24.43 9.68
N ASN A 446 -3.90 -25.67 9.22
CA ASN A 446 -3.69 -25.90 7.80
C ASN A 446 -4.73 -25.19 6.92
N ALA A 447 -5.99 -25.24 7.34
CA ALA A 447 -7.04 -24.56 6.59
C ALA A 447 -6.75 -23.05 6.58
N TRP A 448 -6.59 -22.49 7.78
CA TRP A 448 -6.47 -21.03 7.94
C TRP A 448 -5.28 -20.46 7.19
N LEU A 449 -4.13 -21.13 7.31
CA LEU A 449 -2.88 -20.62 6.75
C LEU A 449 -2.63 -20.98 5.31
N TYR A 450 -3.06 -22.20 4.91
CA TYR A 450 -2.58 -22.79 3.66
C TYR A 450 -3.65 -23.18 2.64
N SER A 451 -4.91 -23.20 3.03
CA SER A 451 -6.00 -23.57 2.11
C SER A 451 -6.63 -22.36 1.41
N PRO A 452 -7.09 -22.55 0.14
CA PRO A 452 -7.82 -21.46 -0.51
C PRO A 452 -9.22 -21.23 0.07
N GLY A 453 -9.87 -20.14 -0.35
CA GLY A 453 -11.27 -19.88 -0.01
C GLY A 453 -11.53 -19.13 1.30
N LEU A 454 -12.80 -19.08 1.71
CA LEU A 454 -13.17 -18.40 2.93
C LEU A 454 -12.61 -19.22 4.08
N PRO A 455 -12.26 -18.58 5.20
CA PRO A 455 -11.75 -19.30 6.36
C PRO A 455 -12.73 -20.37 6.84
N PRO A 456 -12.26 -21.39 7.57
CA PRO A 456 -13.15 -22.48 8.03
C PRO A 456 -14.13 -22.08 9.12
N ILE A 457 -13.89 -20.93 9.74
CA ILE A 457 -14.69 -20.47 10.87
C ILE A 457 -14.87 -18.97 10.72
N LYS A 458 -16.10 -18.48 10.84
CA LYS A 458 -16.33 -17.04 10.79
C LYS A 458 -16.39 -16.55 12.23
N PRO A 459 -15.68 -15.46 12.55
CA PRO A 459 -15.76 -14.90 13.92
C PRO A 459 -17.16 -14.37 14.32
N ASN A 460 -17.32 -14.01 15.59
CA ASN A 460 -18.57 -13.44 16.06
C ASN A 460 -18.56 -11.95 15.90
N TYR A 461 -19.59 -11.38 15.29
CA TYR A 461 -19.62 -9.94 15.11
C TYR A 461 -20.87 -9.34 15.72
N ASP A 462 -20.69 -8.31 16.56
CA ASP A 462 -21.78 -7.37 16.89
C ASP A 462 -22.38 -6.85 15.58
N MET A 463 -23.71 -6.87 15.53
CA MET A 463 -24.49 -6.50 14.33
C MET A 463 -25.14 -5.12 14.44
N THR A 464 -24.98 -4.47 15.59
CA THR A 464 -25.78 -3.29 15.92
C THR A 464 -25.84 -2.25 14.82
N LEU A 465 -24.68 -1.77 14.37
CA LEU A 465 -24.63 -0.70 13.37
C LEU A 465 -24.88 -1.20 11.95
N THR A 466 -24.81 -2.52 11.77
CA THR A 466 -24.92 -3.10 10.45
C THR A 466 -26.39 -3.42 10.17
N ASN A 467 -27.18 -3.67 11.22
CA ASN A 467 -28.59 -4.08 10.96
C ASN A 467 -29.40 -3.19 9.99
N ALA A 468 -29.31 -1.86 10.17
CA ALA A 468 -30.07 -0.92 9.33
C ALA A 468 -29.61 -0.94 7.86
N CYS A 469 -28.31 -1.21 7.65
CA CYS A 469 -27.76 -1.35 6.29
C CYS A 469 -28.33 -2.54 5.57
N ILE A 470 -28.32 -3.68 6.25
CA ILE A 470 -28.86 -4.94 5.73
C ILE A 470 -30.33 -4.80 5.48
N ALA A 471 -31.04 -4.20 6.42
CA ALA A 471 -32.49 -4.04 6.28
C ALA A 471 -32.84 -3.24 5.07
N LEU A 472 -32.18 -2.10 4.87
CA LEU A 472 -32.49 -1.25 3.71
C LEU A 472 -32.10 -1.96 2.40
N SER A 473 -30.94 -2.64 2.42
CA SER A 473 -30.48 -3.33 1.19
C SER A 473 -31.52 -4.38 0.77
N GLN A 474 -31.98 -5.14 1.76
CA GLN A 474 -33.00 -6.17 1.52
C GLN A 474 -34.31 -5.61 1.02
N ARG A 475 -34.76 -4.48 1.58
CA ARG A 475 -35.94 -3.82 1.04
C ARG A 475 -35.80 -3.57 -0.46
N TRP A 476 -34.64 -3.03 -0.87
CA TRP A 476 -34.42 -2.74 -2.27
C TRP A 476 -34.38 -4.02 -3.11
N ILE A 477 -33.67 -5.06 -2.64
CA ILE A 477 -33.49 -6.26 -3.47
C ILE A 477 -34.81 -7.01 -3.68
N THR A 478 -35.63 -7.03 -2.63
CA THR A 478 -36.95 -7.69 -2.66
C THR A 478 -38.07 -6.81 -3.18
N ALA A 479 -37.79 -5.52 -3.38
CA ALA A 479 -38.81 -4.63 -3.91
C ALA A 479 -39.23 -5.07 -5.33
N LYS A 480 -40.54 -5.01 -5.61
CA LYS A 480 -41.03 -5.03 -7.00
C LYS A 480 -41.38 -3.62 -7.47
N GLU A 481 -41.75 -3.50 -8.75
CA GLU A 481 -42.02 -2.18 -9.30
C GLU A 481 -42.98 -1.38 -8.40
N ASP A 482 -44.03 -2.06 -7.91
CA ASP A 482 -45.08 -1.37 -7.17
C ASP A 482 -44.67 -1.01 -5.70
N ASP A 483 -43.49 -1.45 -5.30
CA ASP A 483 -42.86 -1.06 -4.03
C ASP A 483 -41.93 0.20 -4.13
N LEU A 484 -41.54 0.56 -5.34
CA LEU A 484 -40.56 1.64 -5.55
C LEU A 484 -40.95 3.04 -4.99
N ASN A 485 -42.23 3.36 -5.11
CA ASN A 485 -42.79 4.60 -4.59
C ASN A 485 -42.58 4.78 -3.06
N SER A 486 -42.47 3.67 -2.35
CA SER A 486 -42.33 3.71 -0.88
C SER A 486 -40.97 4.19 -0.43
N PHE A 487 -39.99 4.12 -1.31
CA PHE A 487 -38.64 4.65 -0.98
C PHE A 487 -38.61 6.16 -0.98
N ASN A 488 -37.81 6.77 -0.10
CA ASN A 488 -37.83 8.23 0.08
C ASN A 488 -36.51 8.66 0.73
N ALA A 489 -36.08 9.89 0.50
CA ALA A 489 -34.85 10.43 1.12
C ALA A 489 -34.78 10.20 2.63
N THR A 490 -35.93 10.10 3.29
CA THR A 490 -35.94 9.85 4.74
C THR A 490 -35.41 8.48 5.16
N ASP A 491 -35.32 7.55 4.20
CA ASP A 491 -34.76 6.23 4.50
C ASP A 491 -33.29 6.41 5.02
N LEU A 492 -32.62 7.47 4.61
CA LEU A 492 -31.18 7.65 4.90
C LEU A 492 -30.91 8.48 6.15
N LYS A 493 -31.99 9.03 6.72
CA LYS A 493 -32.04 9.93 7.86
C LYS A 493 -30.97 9.64 8.92
N ASP A 494 -30.96 8.41 9.39
CA ASP A 494 -30.21 8.02 10.55
C ASP A 494 -29.00 7.13 10.18
N LEU A 495 -28.54 7.25 8.94
CA LEU A 495 -27.38 6.48 8.49
C LEU A 495 -26.16 7.38 8.34
N SER A 496 -25.06 6.98 8.93
CA SER A 496 -23.80 7.70 8.71
C SER A 496 -23.26 7.42 7.31
N SER A 497 -22.23 8.15 6.89
CA SER A 497 -21.55 7.87 5.64
C SER A 497 -21.07 6.41 5.62
N HIS A 498 -20.61 5.92 6.77
CA HIS A 498 -20.11 4.52 6.86
C HIS A 498 -21.24 3.55 6.60
N GLN A 499 -22.42 3.90 7.09
CA GLN A 499 -23.63 3.08 6.82
C GLN A 499 -24.15 3.18 5.39
N LEU A 500 -24.07 4.36 4.76
CA LEU A 500 -24.47 4.48 3.37
C LEU A 500 -23.54 3.62 2.55
N ASN A 501 -22.24 3.71 2.84
CA ASN A 501 -21.29 2.83 2.17
C ASN A 501 -21.60 1.32 2.33
N GLU A 502 -21.96 0.90 3.55
CA GLU A 502 -22.24 -0.51 3.81
C GLU A 502 -23.55 -0.96 3.11
N PHE A 503 -24.56 -0.08 3.13
CA PHE A 503 -25.77 -0.28 2.32
C PHE A 503 -25.42 -0.53 0.85
N LEU A 504 -24.51 0.26 0.26
CA LEU A 504 -24.17 0.08 -1.17
C LEU A 504 -23.40 -1.22 -1.35
N ALA A 505 -22.51 -1.52 -0.39
CA ALA A 505 -21.71 -2.75 -0.45
C ALA A 505 -22.61 -3.99 -0.42
N GLN A 506 -23.59 -3.96 0.50
CA GLN A 506 -24.53 -5.07 0.59
C GLN A 506 -25.31 -5.21 -0.71
N THR A 507 -25.72 -4.08 -1.28
CA THR A 507 -26.56 -4.12 -2.47
C THR A 507 -25.71 -4.57 -3.69
N LEU A 508 -24.52 -4.03 -3.79
CA LEU A 508 -23.62 -4.39 -4.86
C LEU A 508 -23.31 -5.91 -4.88
N GLN A 509 -23.26 -6.57 -3.72
CA GLN A 509 -23.05 -8.01 -3.68
C GLN A 509 -24.15 -8.82 -4.41
N ARG A 510 -25.33 -8.21 -4.58
CA ARG A 510 -26.46 -8.83 -5.28
C ARG A 510 -26.75 -8.26 -6.65
N ALA A 511 -25.85 -7.38 -7.11
CA ALA A 511 -25.96 -6.79 -8.45
C ALA A 511 -25.84 -7.81 -9.59
N PRO A 512 -26.59 -7.63 -10.70
CA PRO A 512 -27.39 -6.42 -11.02
C PRO A 512 -28.72 -6.35 -10.30
N LEU A 513 -29.23 -5.13 -10.14
CA LEU A 513 -30.62 -4.91 -9.76
C LEU A 513 -31.32 -4.46 -11.02
N PRO A 514 -32.65 -4.54 -11.05
CA PRO A 514 -33.34 -4.01 -12.24
C PRO A 514 -33.01 -2.52 -12.45
N LEU A 515 -32.98 -2.09 -13.71
CA LEU A 515 -32.61 -0.72 -14.00
C LEU A 515 -33.57 0.28 -13.34
N GLY A 516 -34.86 -0.04 -13.36
CA GLY A 516 -35.89 0.81 -12.73
C GLY A 516 -35.61 1.05 -11.23
N HIS A 517 -35.12 0.03 -10.54
CA HIS A 517 -34.72 0.20 -9.13
C HIS A 517 -33.58 1.24 -9.01
N ILE A 518 -32.57 1.09 -9.84
CA ILE A 518 -31.39 1.95 -9.77
C ILE A 518 -31.78 3.38 -10.13
N LYS A 519 -32.60 3.53 -11.15
CA LYS A 519 -33.06 4.86 -11.49
C LYS A 519 -33.84 5.44 -10.30
N ARG A 520 -34.63 4.62 -9.60
CA ARG A 520 -35.41 5.13 -8.48
C ARG A 520 -34.47 5.57 -7.34
N MET A 521 -33.44 4.77 -7.11
CA MET A 521 -32.45 5.06 -6.06
C MET A 521 -31.81 6.41 -6.30
N GLN A 522 -31.48 6.72 -7.55
CA GLN A 522 -30.93 8.04 -7.82
C GLN A 522 -32.02 9.11 -7.54
N GLU A 523 -33.26 8.84 -7.96
CA GLU A 523 -34.34 9.81 -7.81
C GLU A 523 -34.52 10.23 -6.34
N VAL A 524 -34.51 9.24 -5.44
CA VAL A 524 -34.84 9.50 -4.03
C VAL A 524 -33.61 9.75 -3.13
N TYR A 525 -32.47 9.14 -3.46
CA TYR A 525 -31.28 9.30 -2.66
C TYR A 525 -30.24 10.26 -3.23
N ASN A 526 -30.32 10.56 -4.53
CA ASN A 526 -29.34 11.41 -5.18
C ASN A 526 -27.88 11.03 -4.84
N PHE A 527 -27.56 9.75 -4.98
CA PHE A 527 -26.18 9.28 -4.75
C PHE A 527 -25.20 9.89 -5.75
N ASN A 528 -25.70 10.35 -6.93
CA ASN A 528 -24.84 11.11 -7.88
C ASN A 528 -24.15 12.34 -7.30
N ALA A 529 -24.76 12.92 -6.25
CA ALA A 529 -24.23 14.13 -5.60
C ALA A 529 -23.15 13.85 -4.55
N ILE A 530 -22.96 12.58 -4.18
CA ILE A 530 -22.02 12.27 -3.09
C ILE A 530 -20.61 12.18 -3.68
N ASN A 531 -19.69 12.95 -3.12
CA ASN A 531 -18.32 12.87 -3.63
C ASN A 531 -17.38 12.07 -2.74
N ASN A 532 -17.88 11.54 -1.61
CA ASN A 532 -17.11 10.55 -0.86
C ASN A 532 -16.69 9.41 -1.82
N SER A 533 -15.38 9.19 -1.95
CA SER A 533 -14.88 8.32 -3.03
C SER A 533 -15.32 6.86 -2.83
N GLU A 534 -15.28 6.35 -1.59
CA GLU A 534 -15.76 4.98 -1.31
C GLU A 534 -17.24 4.81 -1.75
N ILE A 535 -18.08 5.74 -1.34
CA ILE A 535 -19.48 5.67 -1.67
C ILE A 535 -19.66 5.80 -3.17
N ARG A 536 -19.02 6.80 -3.78
CA ARG A 536 -19.22 7.00 -5.20
C ARG A 536 -18.75 5.79 -6.01
N PHE A 537 -17.57 5.28 -5.68
CA PHE A 537 -17.08 4.03 -6.27
C PHE A 537 -18.16 2.91 -6.30
N ARG A 538 -18.71 2.57 -5.13
CA ARG A 538 -19.70 1.49 -5.08
C ARG A 538 -21.01 1.76 -5.79
N TRP A 539 -21.49 3.00 -5.67
CA TRP A 539 -22.67 3.45 -6.39
C TRP A 539 -22.47 3.35 -7.90
N LEU A 540 -21.34 3.88 -8.40
CA LEU A 540 -21.08 3.77 -9.85
C LEU A 540 -20.96 2.33 -10.37
N ARG A 541 -20.36 1.45 -9.56
CA ARG A 541 -20.29 0.04 -9.88
C ARG A 541 -21.68 -0.55 -9.94
N LEU A 542 -22.53 -0.19 -8.98
CA LEU A 542 -23.89 -0.75 -8.96
C LEU A 542 -24.67 -0.29 -10.20
N CYS A 543 -24.48 0.95 -10.60
CA CYS A 543 -25.14 1.53 -11.79
C CYS A 543 -24.71 0.82 -13.08
N ILE A 544 -23.40 0.65 -13.23
CA ILE A 544 -22.82 0.04 -14.41
C ILE A 544 -23.20 -1.45 -14.50
N GLN A 545 -23.04 -2.19 -13.40
CA GLN A 545 -23.41 -3.63 -13.36
C GLN A 545 -24.91 -3.84 -13.58
N SER A 546 -25.72 -2.82 -13.28
CA SER A 546 -27.15 -2.87 -13.50
C SER A 546 -27.51 -2.23 -14.83
N LYS A 547 -26.49 -1.96 -15.67
CA LYS A 547 -26.67 -1.55 -17.08
C LYS A 547 -27.36 -0.19 -17.27
N TRP A 548 -27.02 0.78 -16.44
CA TRP A 548 -27.53 2.14 -16.60
C TRP A 548 -26.58 2.99 -17.40
N GLU A 549 -26.96 3.30 -18.64
CA GLU A 549 -26.11 4.02 -19.59
C GLU A 549 -25.70 5.43 -19.13
N ASP A 550 -26.62 6.10 -18.44
CA ASP A 550 -26.32 7.44 -17.88
C ASP A 550 -25.06 7.42 -17.00
N ALA A 551 -24.79 6.29 -16.36
CA ALA A 551 -23.67 6.18 -15.43
C ALA A 551 -22.32 6.02 -16.18
N ILE A 552 -22.38 5.67 -17.47
CA ILE A 552 -21.15 5.43 -18.22
C ILE A 552 -20.16 6.63 -18.15
N PRO A 553 -20.60 7.87 -18.51
CA PRO A 553 -19.62 8.97 -18.41
C PRO A 553 -19.12 9.22 -16.98
N LEU A 554 -19.97 8.94 -16.00
CA LEU A 554 -19.59 9.18 -14.59
C LEU A 554 -18.48 8.22 -14.18
N ALA A 555 -18.68 6.95 -14.54
CA ALA A 555 -17.73 5.88 -14.26
C ALA A 555 -16.40 6.08 -15.01
N LEU A 556 -16.48 6.53 -16.26
CA LEU A 556 -15.26 6.80 -17.07
C LEU A 556 -14.47 7.96 -16.45
N LYS A 557 -15.18 8.99 -16.00
CA LYS A 557 -14.57 10.15 -15.39
C LYS A 557 -13.87 9.72 -14.08
N MET A 558 -14.57 8.98 -13.21
CA MET A 558 -13.92 8.59 -11.96
C MET A 558 -12.74 7.64 -12.22
N ALA A 559 -12.87 6.80 -13.22
CA ALA A 559 -11.82 5.81 -13.49
C ALA A 559 -10.51 6.49 -13.90
N THR A 560 -10.63 7.64 -14.55
CA THR A 560 -9.46 8.31 -15.12
C THR A 560 -8.99 9.55 -14.36
N GLU A 561 -9.89 10.24 -13.65
CA GLU A 561 -9.49 11.46 -12.94
C GLU A 561 -8.72 11.21 -11.66
N GLN A 562 -8.74 9.97 -11.20
CA GLN A 562 -7.88 9.53 -10.11
C GLN A 562 -7.41 8.13 -10.49
N GLY A 563 -6.41 7.63 -9.77
CA GLY A 563 -5.76 6.41 -10.18
C GLY A 563 -5.60 5.38 -9.09
N ARG A 564 -6.33 5.56 -7.99
CA ARG A 564 -6.23 4.57 -6.91
C ARG A 564 -6.71 3.23 -7.44
N MET A 565 -5.86 2.20 -7.34
CA MET A 565 -6.16 0.96 -8.08
C MET A 565 -7.43 0.31 -7.60
N LYS A 566 -7.67 0.41 -6.30
CA LYS A 566 -8.90 -0.03 -5.62
C LYS A 566 -10.14 0.42 -6.38
N PHE A 567 -10.07 1.63 -6.97
CA PHE A 567 -11.22 2.20 -7.69
C PHE A 567 -11.07 2.07 -9.23
N THR A 568 -9.91 2.46 -9.77
CA THR A 568 -9.73 2.49 -11.21
C THR A 568 -9.84 1.07 -11.81
N ARG A 569 -9.23 0.05 -11.19
CA ARG A 569 -9.34 -1.29 -11.79
C ARG A 569 -10.75 -1.86 -11.88
N PRO A 570 -11.52 -1.88 -10.77
CA PRO A 570 -12.87 -2.43 -10.93
C PRO A 570 -13.78 -1.56 -11.79
N LEU A 571 -13.55 -0.26 -11.82
CA LEU A 571 -14.40 0.57 -12.69
C LEU A 571 -14.14 0.26 -14.17
N PHE A 572 -12.86 0.23 -14.57
CA PHE A 572 -12.53 -0.20 -15.93
C PHE A 572 -13.05 -1.61 -16.25
N LYS A 573 -12.95 -2.57 -15.32
CA LYS A 573 -13.45 -3.92 -15.60
C LYS A 573 -14.99 -3.93 -15.82
N ASP A 574 -15.70 -3.18 -14.97
CA ASP A 574 -17.16 -3.10 -15.03
C ASP A 574 -17.57 -2.47 -16.37
N LEU A 575 -16.90 -1.39 -16.73
CA LEU A 575 -17.13 -0.72 -17.99
C LEU A 575 -16.77 -1.62 -19.21
N ALA A 576 -15.80 -2.52 -19.05
CA ALA A 576 -15.48 -3.50 -20.08
C ALA A 576 -16.56 -4.57 -20.20
N ALA A 577 -17.13 -4.98 -19.07
CA ALA A 577 -18.16 -6.00 -19.02
C ALA A 577 -19.52 -5.53 -19.57
N PHE A 578 -19.79 -4.23 -19.50
CA PHE A 578 -21.03 -3.63 -20.03
C PHE A 578 -20.89 -3.42 -21.55
N ASP A 579 -21.75 -4.09 -22.35
CA ASP A 579 -21.59 -4.02 -23.80
C ASP A 579 -21.60 -2.61 -24.33
N LYS A 580 -22.43 -1.75 -23.76
CA LYS A 580 -22.60 -0.40 -24.26
C LYS A 580 -21.39 0.50 -24.00
N SER A 581 -20.60 0.16 -23.00
CA SER A 581 -19.41 0.98 -22.67
C SER A 581 -18.08 0.28 -23.02
N HIS A 582 -18.13 -0.99 -23.43
CA HIS A 582 -16.92 -1.77 -23.65
C HIS A 582 -15.92 -1.06 -24.55
N ASP A 583 -16.33 -0.63 -25.76
CA ASP A 583 -15.37 -0.03 -26.67
C ASP A 583 -14.80 1.29 -26.14
N GLN A 584 -15.65 2.12 -25.52
CA GLN A 584 -15.23 3.36 -24.82
C GLN A 584 -14.20 3.08 -23.72
N ALA A 585 -14.46 2.04 -22.93
CA ALA A 585 -13.54 1.66 -21.85
C ALA A 585 -12.13 1.37 -22.40
N VAL A 586 -12.08 0.55 -23.43
CA VAL A 586 -10.82 0.17 -24.07
C VAL A 586 -10.16 1.39 -24.70
N ARG A 587 -10.93 2.21 -25.41
CA ARG A 587 -10.41 3.42 -26.03
C ARG A 587 -9.84 4.42 -25.00
N THR A 588 -10.53 4.57 -23.89
CA THR A 588 -10.15 5.51 -22.88
C THR A 588 -8.87 5.01 -22.23
N TYR A 589 -8.78 3.71 -22.01
CA TYR A 589 -7.56 3.11 -21.49
C TYR A 589 -6.38 3.42 -22.42
N GLN A 590 -6.58 3.16 -23.72
CA GLN A 590 -5.54 3.38 -24.73
C GLN A 590 -5.02 4.80 -24.80
N GLU A 591 -5.95 5.75 -24.70
CA GLU A 591 -5.63 7.16 -24.72
C GLU A 591 -4.90 7.63 -23.47
N HIS A 592 -5.16 7.00 -22.34
CA HIS A 592 -4.65 7.48 -21.05
C HIS A 592 -3.40 6.74 -20.57
N LYS A 593 -3.22 5.54 -21.12
CA LYS A 593 -2.15 4.61 -20.78
C LYS A 593 -0.76 5.27 -20.58
N ALA A 594 -0.32 6.08 -21.56
CA ALA A 594 1.03 6.66 -21.51
C ALA A 594 1.24 7.57 -20.30
N SER A 595 0.16 8.20 -19.81
CA SER A 595 0.26 9.12 -18.70
C SER A 595 -0.21 8.50 -17.37
N MET A 596 -0.42 7.18 -17.35
CA MET A 596 -0.86 6.53 -16.11
C MET A 596 0.37 6.09 -15.31
N HIS A 597 0.14 5.70 -14.07
CA HIS A 597 1.19 5.14 -13.27
C HIS A 597 1.59 3.77 -13.93
N PRO A 598 2.89 3.48 -14.02
CA PRO A 598 3.27 2.25 -14.75
C PRO A 598 2.67 0.96 -14.26
N VAL A 599 2.52 0.79 -12.95
CA VAL A 599 1.94 -0.44 -12.45
C VAL A 599 0.45 -0.45 -12.73
N THR A 600 -0.22 0.67 -12.46
CA THR A 600 -1.64 0.75 -12.73
C THR A 600 -1.92 0.46 -14.20
N ALA A 601 -1.13 1.08 -15.09
CA ALA A 601 -1.23 0.86 -16.54
C ALA A 601 -1.10 -0.61 -16.90
N MET A 602 -0.09 -1.27 -16.32
CA MET A 602 0.10 -2.68 -16.60
C MET A 602 -1.12 -3.52 -16.16
N LEU A 603 -1.61 -3.31 -14.94
CA LEU A 603 -2.71 -4.07 -14.41
C LEU A 603 -4.05 -3.85 -15.12
N VAL A 604 -4.40 -2.59 -15.36
CA VAL A 604 -5.62 -2.31 -16.13
C VAL A 604 -5.55 -2.95 -17.53
N GLY A 605 -4.39 -2.85 -18.18
CA GLY A 605 -4.19 -3.51 -19.46
C GLY A 605 -4.43 -5.01 -19.45
N LYS A 606 -3.85 -5.71 -18.47
CA LYS A 606 -4.18 -7.12 -18.24
C LYS A 606 -5.65 -7.35 -17.95
N ASP A 607 -6.24 -6.56 -17.06
CA ASP A 607 -7.67 -6.72 -16.75
C ASP A 607 -8.52 -6.60 -18.03
N LEU A 608 -8.18 -5.65 -18.91
CA LEU A 608 -8.93 -5.40 -20.14
C LEU A 608 -8.57 -6.35 -21.30
N LYS A 609 -7.58 -7.20 -21.09
CA LYS A 609 -7.01 -8.03 -22.16
C LYS A 609 -6.56 -7.18 -23.35
N VAL A 610 -5.85 -6.08 -23.05
CA VAL A 610 -5.38 -5.15 -24.06
C VAL A 610 -3.85 -5.14 -24.13
N ASP A 611 -3.35 -4.74 -25.31
CA ASP A 611 -1.93 -4.86 -25.77
C ASP A 611 -1.30 -6.26 -25.68
ZN ZN B . -1.11 -1.99 4.89
YB YB C . -46.59 -5.81 -4.99
N1 11X D . 0.43 -12.07 -0.67
C10 11X D . 2.46 -6.67 -1.72
C11 11X D . 2.48 -5.29 -1.50
C9 11X D . 2.38 -7.12 -3.03
C14 11X D . 2.34 -6.21 -4.09
C12 11X D . 2.44 -4.39 -2.54
C13 11X D . 2.39 -4.83 -3.86
C2 11X D . 1.50 -11.35 -0.98
C4 11X D . 0.23 -10.06 -2.49
C5 11X D . -0.88 -10.84 -2.14
C6 11X D . -0.75 -11.85 -1.23
C7 11X D . 2.70 -9.47 -2.23
C3 11X D . 1.45 -10.31 -1.90
N8 11X D . 2.36 -8.44 -3.26
C ACT E . -0.99 -0.37 2.62
O ACT E . -0.71 0.49 3.55
OXT ACT E . -1.24 -1.56 2.99
CH3 ACT E . -1.01 -0.06 1.13
C ACT F . -45.66 -7.61 -7.17
O ACT F . -45.83 -8.04 -5.99
OXT ACT F . -45.80 -6.38 -7.28
CH3 ACT F . -45.28 -8.45 -8.39
N1 IMD G . -18.30 -5.44 1.55
C2 IMD G . -18.76 -4.89 2.70
N3 IMD G . -19.98 -5.41 2.97
C4 IMD G . -20.32 -6.26 1.98
C5 IMD G . -19.25 -6.27 1.08
N1 IMD H . -17.60 6.77 5.00
C2 IMD H . -17.88 6.27 3.77
N3 IMD H . -17.08 5.19 3.54
C4 IMD H . -16.35 4.94 4.64
C5 IMD H . -16.66 5.94 5.54
#